data_4UD9
#
_entry.id   4UD9
#
_cell.length_a   70.113
_cell.length_b   71.362
_cell.length_c   72.103
_cell.angle_alpha   90.00
_cell.angle_beta   100.38
_cell.angle_gamma   90.00
#
_symmetry.space_group_name_H-M   'C 1 2 1'
#
loop_
_entity.id
_entity.type
_entity.pdbx_description
1 polymer 'Thrombin heavy chain'
2 polymer Hirudin-2
3 polymer Prothrombin
4 non-polymer 'SODIUM ION'
5 non-polymer 'PHOSPHATE ION'
6 non-polymer 'DIMETHYL SULFOXIDE'
7 non-polymer GLYCEROL
8 non-polymer 1,2-ETHANEDIOL
9 non-polymer 5-CHLORO-2-THIOPHENECARBOXAMIDE
10 non-polymer 2-acetamido-2-deoxy-beta-D-glucopyranose
11 water water
#
loop_
_entity_poly.entity_id
_entity_poly.type
_entity_poly.pdbx_seq_one_letter_code
_entity_poly.pdbx_strand_id
1 'polypeptide(L)'
;IVEGSDAEIGMSPWQVMLFRKSPQELLCGASLISDRWVLTAAHCLLYPPWDKNFTENDLLVRIGKHSRTRYERNIEKISM
LEKIYIHPRYNWRENLDRDIALMKLKKPVAFSDYIHPVCLPDRETAASLLQAGYKGRVTGWGNLKETWTANVGKGQPSVL
QVVNLPIVERPVCKDSTRIRITDNMFCAGYKPDEGKRGDACEGDSGGPFVMKSPFNNRWYQMGIVSWGEGCDRDGKYGFY
THVFRLKKWIQKVIDQFGE
;
H
2 'polypeptide(L)' GDFEEIPEE(TYS)LQ I
3 'polypeptide(L)' EADCGLRPLFEKKSLEDKTERELLESYI L
#
loop_
_chem_comp.id
_chem_comp.type
_chem_comp.name
_chem_comp.formula
DMS non-polymer 'DIMETHYL SULFOXIDE' 'C2 H6 O S'
EDO non-polymer 1,2-ETHANEDIOL 'C2 H6 O2'
FQI non-polymer 5-CHLORO-2-THIOPHENECARBOXAMIDE 'C5 H4 Cl N O S'
GOL non-polymer GLYCEROL 'C3 H8 O3'
NA non-polymer 'SODIUM ION' 'Na 1'
NAG D-saccharide, beta linking 2-acetamido-2-deoxy-beta-D-glucopyranose 'C8 H15 N O6'
PO4 non-polymer 'PHOSPHATE ION' 'O4 P -3'
#
# COMPACT_ATOMS: atom_id res chain seq x y z
N ILE A 1 10.40 0.64 -4.17
CA ILE A 1 9.90 1.41 -5.32
C ILE A 1 11.06 1.73 -6.24
N VAL A 2 10.90 1.42 -7.52
CA VAL A 2 11.89 1.71 -8.56
C VAL A 2 11.51 2.97 -9.29
N GLU A 3 12.49 3.85 -9.46
CA GLU A 3 12.36 5.09 -10.22
C GLU A 3 11.30 6.01 -9.63
N GLY A 4 11.18 5.96 -8.30
CA GLY A 4 10.37 6.91 -7.58
C GLY A 4 11.20 8.04 -7.02
N SER A 5 10.61 8.76 -6.08
CA SER A 5 11.30 9.83 -5.39
C SER A 5 10.97 9.77 -3.92
N ASP A 6 11.75 10.49 -3.13
CA ASP A 6 11.49 10.58 -1.72
C ASP A 6 10.13 11.22 -1.48
N ALA A 7 9.35 10.63 -0.60
CA ALA A 7 8.11 11.24 -0.17
C ALA A 7 8.36 12.56 0.54
N GLU A 8 7.43 13.48 0.42
CA GLU A 8 7.36 14.63 1.30
C GLU A 8 6.87 14.22 2.67
N ILE A 9 7.24 14.98 3.68
CA ILE A 9 6.74 14.74 5.02
C ILE A 9 5.20 14.83 5.02
N GLY A 10 4.57 13.82 5.58
CA GLY A 10 3.13 13.79 5.69
C GLY A 10 2.41 13.54 4.39
N MET A 11 3.13 13.12 3.35
CA MET A 11 2.52 12.92 2.05
C MET A 11 1.59 11.72 1.97
N SER A 12 1.88 10.72 2.77
CA SER A 12 1.14 9.46 2.78
C SER A 12 0.89 9.05 4.21
N PRO A 13 0.05 9.79 4.93
CA PRO A 13 -0.03 9.61 6.38
C PRO A 13 -0.80 8.34 6.78
N TRP A 14 -1.35 7.67 5.78
CA TRP A 14 -1.94 6.35 5.95
C TRP A 14 -0.94 5.22 5.74
N GLN A 15 0.30 5.52 5.38
CA GLN A 15 1.31 4.49 5.17
CA GLN A 15 1.24 4.44 5.13
C GLN A 15 1.59 3.73 6.44
N VAL A 16 1.63 2.42 6.35
CA VAL A 16 1.97 1.58 7.49
C VAL A 16 3.09 0.63 7.10
N MET A 17 4.02 0.41 8.02
CA MET A 17 5.06 -0.60 7.84
C MET A 17 4.69 -1.83 8.66
N LEU A 18 4.66 -2.99 7.99
CA LEU A 18 4.51 -4.26 8.68
C LEU A 18 5.90 -4.73 9.04
N PHE A 19 6.11 -4.96 10.33
CA PHE A 19 7.43 -5.15 10.90
C PHE A 19 7.48 -6.45 11.66
N ARG A 20 8.47 -7.27 11.33
CA ARG A 20 8.70 -8.52 12.04
CA ARG A 20 8.69 -8.52 12.04
C ARG A 20 9.37 -8.21 13.37
N LYS A 21 8.89 -8.82 14.45
CA LYS A 21 9.49 -8.59 15.77
C LYS A 21 10.88 -9.17 15.90
N SER A 22 11.07 -10.39 15.39
CA SER A 22 12.34 -11.08 15.58
C SER A 22 12.56 -12.09 14.47
N PRO A 23 13.58 -11.88 13.62
CA PRO A 23 14.48 -10.72 13.58
C PRO A 23 13.71 -9.45 13.22
N GLN A 24 14.18 -8.31 13.69
CA GLN A 24 13.53 -7.04 13.42
C GLN A 24 13.75 -6.63 11.97
N GLU A 25 12.70 -6.65 11.15
CA GLU A 25 12.87 -6.37 9.73
C GLU A 25 11.56 -5.95 9.07
N LEU A 26 11.68 -5.21 7.97
CA LEU A 26 10.52 -4.84 7.18
C LEU A 26 9.97 -6.07 6.50
N LEU A 27 8.67 -6.28 6.61
CA LEU A 27 8.02 -7.36 5.86
C LEU A 27 7.25 -6.85 4.66
N CYS A 28 6.53 -5.75 4.82
CA CYS A 28 5.56 -5.35 3.81
C CYS A 28 5.10 -3.96 4.15
N GLY A 29 4.45 -3.33 3.18
CA GLY A 29 3.64 -2.17 3.46
C GLY A 29 2.23 -2.56 3.85
N ALA A 30 1.45 -1.52 4.16
CA ALA A 30 0.11 -1.63 4.64
C ALA A 30 -0.45 -0.22 4.70
N SER A 31 -1.72 -0.08 5.03
CA SER A 31 -2.38 1.22 5.08
C SER A 31 -3.36 1.32 6.22
N LEU A 32 -3.49 2.53 6.73
CA LEU A 32 -4.40 2.82 7.83
C LEU A 32 -5.76 3.23 7.27
N ILE A 33 -6.80 2.52 7.63
CA ILE A 33 -8.13 2.82 7.14
C ILE A 33 -9.07 3.32 8.25
N SER A 34 -8.65 3.20 9.52
CA SER A 34 -9.35 3.82 10.63
C SER A 34 -8.39 3.81 11.80
N ASP A 35 -8.84 4.25 12.97
CA ASP A 35 -7.93 4.27 14.11
C ASP A 35 -7.57 2.88 14.63
N ARG A 36 -8.25 1.83 14.17
CA ARG A 36 -8.04 0.49 14.68
C ARG A 36 -7.81 -0.57 13.60
N TRP A 37 -7.87 -0.19 12.32
CA TRP A 37 -7.79 -1.15 11.24
C TRP A 37 -6.75 -0.78 10.22
N VAL A 38 -5.98 -1.79 9.84
CA VAL A 38 -4.92 -1.70 8.87
C VAL A 38 -5.16 -2.72 7.77
N LEU A 39 -5.02 -2.28 6.53
CA LEU A 39 -5.24 -3.08 5.34
C LEU A 39 -3.88 -3.46 4.77
N THR A 40 -3.74 -4.70 4.33
CA THR A 40 -2.52 -5.15 3.66
C THR A 40 -2.87 -6.28 2.69
N ALA A 41 -1.83 -6.85 2.10
CA ALA A 41 -2.00 -8.00 1.20
C ALA A 41 -1.97 -9.26 2.04
N ALA A 42 -2.85 -10.20 1.71
CA ALA A 42 -2.86 -11.47 2.40
C ALA A 42 -1.51 -12.17 2.32
N HIS A 43 -0.81 -12.07 1.20
CA HIS A 43 0.44 -12.81 1.06
C HIS A 43 1.55 -12.28 1.98
N CYS A 44 1.36 -11.09 2.54
CA CYS A 44 2.29 -10.58 3.53
C CYS A 44 2.21 -11.36 4.83
N LEU A 45 1.07 -12.01 5.05
CA LEU A 45 0.80 -12.72 6.30
C LEU A 45 0.76 -14.23 6.12
N LEU A 46 0.34 -14.69 4.95
CA LEU A 46 0.11 -16.11 4.69
C LEU A 46 0.56 -16.45 3.30
N TYR A 47 1.60 -17.26 3.22
CA TYR A 47 2.07 -17.75 1.93
C TYR A 47 2.78 -19.08 2.15
N PRO A 48 2.00 -20.17 2.17
CA PRO A 48 2.55 -21.49 2.49
C PRO A 48 3.69 -21.95 1.60
N PRO A 49 3.74 -21.59 0.31
CA PRO A 49 4.85 -22.07 -0.48
C PRO A 49 6.19 -21.64 0.08
N TRP A 50 6.22 -20.53 0.84
CA TRP A 50 7.44 -20.05 1.46
C TRP A 50 7.41 -20.23 2.98
N ASP A 51 6.57 -21.13 3.46
CA ASP A 51 6.49 -21.42 4.88
C ASP A 51 6.15 -20.16 5.69
N LYS A 52 5.34 -19.27 5.11
CA LYS A 52 4.94 -18.06 5.80
C LYS A 52 3.51 -18.18 6.31
N ASN A 53 3.35 -18.05 7.62
CA ASN A 53 2.04 -18.04 8.23
C ASN A 53 2.15 -17.37 9.56
N PHE A 54 2.20 -16.05 9.53
CA PHE A 54 2.42 -15.29 10.75
C PHE A 54 1.22 -15.30 11.68
N THR A 55 1.50 -15.27 12.97
CA THR A 55 0.46 -15.03 13.97
C THR A 55 0.57 -13.58 14.45
N GLU A 56 -0.45 -13.11 15.15
CA GLU A 56 -0.49 -11.73 15.61
C GLU A 56 0.75 -11.34 16.40
N ASN A 57 1.21 -12.24 17.26
CA ASN A 57 2.31 -11.90 18.17
C ASN A 57 3.65 -11.84 17.46
N ASP A 58 3.69 -12.28 16.21
CA ASP A 58 4.94 -12.24 15.45
C ASP A 58 5.25 -10.84 14.93
N LEU A 59 4.25 -9.97 14.93
CA LEU A 59 4.28 -8.78 14.10
C LEU A 59 3.99 -7.51 14.88
N LEU A 60 4.47 -6.39 14.34
CA LEU A 60 4.04 -5.06 14.78
C LEU A 60 3.72 -4.27 13.54
N VAL A 61 2.96 -3.20 13.72
CA VAL A 61 2.83 -2.21 12.66
C VAL A 61 3.37 -0.88 13.15
N ARG A 62 4.04 -0.18 12.27
CA ARG A 62 4.67 1.09 12.59
C ARG A 62 4.00 2.14 11.66
N ILE A 63 3.43 3.15 12.28
CA ILE A 63 2.53 4.09 11.64
C ILE A 63 3.14 5.49 11.79
N GLY A 64 3.01 6.33 10.78
CA GLY A 64 3.56 7.66 10.82
C GLY A 64 5.00 7.77 10.40
N LYS A 65 5.55 6.74 9.77
CA LYS A 65 6.96 6.74 9.43
C LYS A 65 7.31 7.47 8.14
N HIS A 66 8.57 7.85 8.09
CA HIS A 66 9.17 8.44 6.92
C HIS A 66 10.49 7.71 6.65
N SER A 67 11.44 7.80 7.58
CA SER A 67 12.64 6.99 7.51
C SER A 67 12.32 5.50 7.50
N ARG A 68 13.03 4.75 6.67
CA ARG A 68 12.90 3.30 6.65
C ARG A 68 13.40 2.67 7.94
N THR A 69 14.64 2.99 8.33
CA THR A 69 15.30 2.19 9.35
C THR A 69 15.34 2.82 10.73
N ARG A 70 15.11 4.13 10.79
N ARG A 70 15.14 4.12 10.82
CA ARG A 70 15.21 4.88 12.03
CA ARG A 70 15.33 4.78 12.10
C ARG A 70 14.00 4.64 12.93
C ARG A 70 14.04 4.76 12.92
N TYR A 71 14.21 4.71 14.23
CA TYR A 71 13.09 4.79 15.16
C TYR A 71 12.73 6.27 15.29
N GLU A 72 11.57 6.66 14.77
CA GLU A 72 11.24 8.07 14.62
C GLU A 72 10.51 8.55 15.86
N ARG A 73 11.32 8.78 16.88
CA ARG A 73 10.85 9.15 18.18
C ARG A 73 9.96 10.39 18.08
N ASN A 74 8.84 10.34 18.80
CA ASN A 74 7.84 11.40 18.89
C ASN A 74 7.00 11.59 17.62
N ILE A 75 7.18 10.72 16.65
CA ILE A 75 6.49 10.83 15.37
C ILE A 75 5.79 9.52 15.04
N GLU A 76 6.54 8.44 14.88
CA GLU A 76 5.90 7.17 14.58
C GLU A 76 5.22 6.63 15.82
N LYS A 77 4.24 5.77 15.58
CA LYS A 77 3.58 5.01 16.62
C LYS A 77 3.61 3.56 16.24
N ILE A 78 3.90 2.72 17.23
CA ILE A 78 4.05 1.29 17.03
C ILE A 78 2.90 0.60 17.73
N SER A 79 2.17 -0.21 16.99
CA SER A 79 0.97 -0.86 17.48
C SER A 79 1.10 -2.38 17.39
N MET A 80 0.55 -3.05 18.40
CA MET A 80 0.43 -4.49 18.42
C MET A 80 -0.87 -4.91 17.75
N LEU A 81 -0.88 -6.13 17.25
CA LEU A 81 -2.03 -6.68 16.55
CA LEU A 81 -2.05 -6.66 16.57
C LEU A 81 -2.95 -7.45 17.50
N GLU A 82 -4.23 -7.14 17.46
CA GLU A 82 -5.23 -7.94 18.15
C GLU A 82 -5.58 -9.16 17.32
N LYS A 83 -5.81 -8.98 16.02
CA LYS A 83 -6.30 -10.08 15.20
C LYS A 83 -6.05 -9.81 13.73
N ILE A 84 -5.64 -10.87 13.05
CA ILE A 84 -5.49 -10.92 11.61
C ILE A 84 -6.70 -11.58 10.97
N TYR A 85 -7.20 -10.99 9.88
CA TYR A 85 -8.29 -11.54 9.08
C TYR A 85 -7.83 -11.61 7.64
N ILE A 86 -7.76 -12.82 7.13
CA ILE A 86 -7.38 -13.09 5.76
C ILE A 86 -8.65 -13.37 4.96
N HIS A 87 -8.74 -12.85 3.74
CA HIS A 87 -9.90 -13.16 2.92
C HIS A 87 -10.07 -14.69 2.81
N PRO A 88 -11.29 -15.21 3.02
CA PRO A 88 -11.44 -16.66 3.05
C PRO A 88 -11.22 -17.33 1.71
N ARG A 89 -11.24 -16.57 0.63
CA ARG A 89 -11.01 -17.10 -0.71
C ARG A 89 -9.71 -16.55 -1.31
N TYR A 90 -8.81 -16.06 -0.46
CA TYR A 90 -7.46 -15.73 -0.92
C TYR A 90 -6.81 -16.98 -1.51
N ASN A 91 -6.35 -16.86 -2.75
CA ASN A 91 -5.81 -17.99 -3.49
C ASN A 91 -4.29 -17.95 -3.50
N TRP A 92 -3.70 -18.46 -2.44
CA TRP A 92 -2.24 -18.56 -2.37
C TRP A 92 -1.72 -19.72 -3.19
N ARG A 93 -2.59 -20.63 -3.58
CA ARG A 93 -2.15 -21.80 -4.32
CA ARG A 93 -2.16 -21.81 -4.33
C ARG A 93 -1.75 -21.47 -5.75
N GLU A 94 -2.44 -20.50 -6.35
CA GLU A 94 -2.27 -20.24 -7.79
C GLU A 94 -1.74 -18.86 -8.14
N ASN A 95 -2.57 -17.84 -7.99
CA ASN A 95 -2.28 -16.53 -8.58
C ASN A 95 -2.48 -15.36 -7.64
N LEU A 96 -2.62 -15.63 -6.34
CA LEU A 96 -2.85 -14.59 -5.35
C LEU A 96 -4.17 -13.86 -5.59
N ASP A 97 -5.15 -14.54 -6.18
CA ASP A 97 -6.49 -13.93 -6.27
C ASP A 97 -6.98 -13.55 -4.88
N ARG A 98 -7.59 -12.37 -4.79
CA ARG A 98 -8.16 -11.86 -3.55
C ARG A 98 -7.08 -11.67 -2.48
N ASP A 99 -6.03 -10.97 -2.88
CA ASP A 99 -4.85 -10.80 -2.04
C ASP A 99 -5.06 -9.63 -1.07
N ILE A 100 -5.81 -9.91 -0.01
CA ILE A 100 -6.26 -8.87 0.91
C ILE A 100 -6.39 -9.44 2.30
N ALA A 101 -6.01 -8.63 3.28
CA ALA A 101 -6.11 -8.97 4.69
C ALA A 101 -6.28 -7.71 5.49
N LEU A 102 -6.90 -7.88 6.65
CA LEU A 102 -7.08 -6.82 7.61
C LEU A 102 -6.40 -7.19 8.90
N MET A 103 -5.91 -6.17 9.59
CA MET A 103 -5.32 -6.33 10.91
C MET A 103 -5.99 -5.34 11.85
N LYS A 104 -6.54 -5.85 12.92
CA LYS A 104 -7.16 -5.02 13.95
C LYS A 104 -6.11 -4.75 14.99
N LEU A 105 -5.96 -3.49 15.36
CA LEU A 105 -4.95 -3.12 16.35
C LEU A 105 -5.48 -3.32 17.75
N LYS A 106 -4.59 -3.61 18.68
CA LYS A 106 -5.01 -3.79 20.07
C LYS A 106 -5.59 -2.51 20.68
N LYS A 107 -5.04 -1.37 20.30
CA LYS A 107 -5.53 -0.09 20.80
C LYS A 107 -5.62 0.88 19.65
N PRO A 108 -6.52 1.87 19.72
CA PRO A 108 -6.55 2.85 18.63
C PRO A 108 -5.27 3.67 18.54
N VAL A 109 -4.85 4.01 17.34
CA VAL A 109 -3.69 4.87 17.15
C VAL A 109 -4.18 6.31 17.14
N ALA A 110 -3.40 7.19 17.75
CA ALA A 110 -3.72 8.60 17.75
C ALA A 110 -3.35 9.22 16.41
N PHE A 111 -4.29 9.95 15.82
CA PHE A 111 -4.02 10.65 14.57
C PHE A 111 -3.16 11.87 14.84
N SER A 112 -2.41 12.30 13.84
CA SER A 112 -1.49 13.43 13.98
C SER A 112 -1.24 13.98 12.57
N ASP A 113 -0.32 14.92 12.47
CA ASP A 113 0.08 15.39 11.14
C ASP A 113 0.62 14.27 10.27
N TYR A 114 1.11 13.22 10.90
CA TYR A 114 1.82 12.12 10.22
C TYR A 114 1.02 10.84 10.09
N ILE A 115 -0.13 10.80 10.75
CA ILE A 115 -0.94 9.60 10.89
C ILE A 115 -2.40 9.97 10.63
N HIS A 116 -2.96 9.44 9.55
CA HIS A 116 -4.31 9.80 9.15
C HIS A 116 -4.82 8.75 8.18
N PRO A 117 -6.09 8.33 8.29
CA PRO A 117 -6.56 7.25 7.42
C PRO A 117 -6.87 7.68 5.99
N VAL A 118 -6.72 6.73 5.09
CA VAL A 118 -7.13 6.87 3.69
C VAL A 118 -8.58 6.44 3.56
N CYS A 119 -9.28 6.92 2.53
CA CYS A 119 -10.62 6.49 2.26
C CYS A 119 -10.61 5.20 1.44
N LEU A 120 -11.63 4.38 1.63
CA LEU A 120 -11.90 3.28 0.73
C LEU A 120 -12.93 3.72 -0.29
N PRO A 121 -12.81 3.27 -1.54
CA PRO A 121 -13.70 3.77 -2.59
C PRO A 121 -15.10 3.22 -2.47
N ASP A 122 -16.05 4.07 -2.85
CA ASP A 122 -17.41 3.69 -3.14
C ASP A 122 -17.45 3.22 -4.60
N ARG A 123 -18.57 2.64 -5.00
CA ARG A 123 -18.71 2.09 -6.35
C ARG A 123 -18.49 3.15 -7.41
N GLU A 124 -19.03 4.34 -7.18
CA GLU A 124 -18.97 5.39 -8.18
C GLU A 124 -17.57 5.97 -8.36
N THR A 125 -16.87 6.20 -7.26
CA THR A 125 -15.51 6.67 -7.36
C THR A 125 -14.66 5.61 -8.07
N ALA A 126 -14.84 4.35 -7.73
CA ALA A 126 -14.13 3.28 -8.40
C ALA A 126 -14.41 3.24 -9.91
N ALA A 127 -15.68 3.30 -10.28
CA ALA A 127 -16.05 3.25 -11.69
C ALA A 127 -15.45 4.42 -12.44
N SER A 128 -15.46 5.59 -11.81
CA SER A 128 -14.96 6.78 -12.47
CA SER A 128 -14.97 6.81 -12.44
C SER A 128 -13.46 6.82 -12.62
N LEU A 129 -12.72 6.31 -11.63
CA LEU A 129 -11.28 6.49 -11.63
C LEU A 129 -10.48 5.28 -12.09
N LEU A 130 -11.05 4.09 -12.06
CA LEU A 130 -10.33 2.88 -12.49
CA LEU A 130 -10.28 2.90 -12.45
C LEU A 130 -10.39 2.71 -13.97
N GLN A 131 -9.69 3.58 -14.68
CA GLN A 131 -9.71 3.64 -16.12
C GLN A 131 -8.29 3.64 -16.61
N ALA A 132 -8.06 2.94 -17.73
CA ALA A 132 -6.75 2.90 -18.32
C ALA A 132 -6.26 4.31 -18.59
N GLY A 133 -5.00 4.55 -18.23
CA GLY A 133 -4.37 5.83 -18.40
C GLY A 133 -4.44 6.73 -17.17
N TYR A 134 -5.45 6.51 -16.34
CA TYR A 134 -5.55 7.29 -15.11
C TYR A 134 -4.46 6.82 -14.16
N LYS A 135 -3.79 7.77 -13.51
CA LYS A 135 -2.67 7.45 -12.65
C LYS A 135 -3.06 7.38 -11.19
N GLY A 136 -2.44 6.42 -10.52
CA GLY A 136 -2.44 6.36 -9.09
C GLY A 136 -1.03 6.45 -8.58
N ARG A 137 -0.91 6.34 -7.27
CA ARG A 137 0.31 6.57 -6.56
C ARG A 137 0.60 5.40 -5.66
N VAL A 138 1.83 4.89 -5.74
CA VAL A 138 2.29 3.77 -4.96
C VAL A 138 3.43 4.25 -4.07
N THR A 139 3.41 3.80 -2.82
CA THR A 139 4.39 4.23 -1.84
C THR A 139 4.93 3.03 -1.10
N GLY A 140 6.19 3.09 -0.70
CA GLY A 140 6.74 2.03 0.13
C GLY A 140 8.22 2.19 0.37
N TRP A 141 8.71 1.29 1.20
CA TRP A 141 10.11 1.24 1.59
C TRP A 141 10.82 0.06 0.97
N GLY A 142 10.24 -0.54 -0.07
CA GLY A 142 10.86 -1.66 -0.73
C GLY A 142 12.08 -1.28 -1.56
N ASN A 143 12.67 -2.28 -2.17
CA ASN A 143 13.92 -2.09 -2.86
C ASN A 143 13.80 -1.12 -4.03
N LEU A 144 14.93 -0.48 -4.32
CA LEU A 144 15.01 0.54 -5.35
C LEU A 144 15.25 -0.04 -6.74
N LYS A 145 15.63 -1.31 -6.80
CA LYS A 145 15.84 -1.98 -8.07
C LYS A 145 15.70 -3.48 -7.85
N GLU A 146 15.42 -4.19 -8.92
CA GLU A 146 15.22 -5.62 -8.84
C GLU A 146 16.50 -6.31 -8.39
N THR A 147 17.63 -5.84 -8.90
CA THR A 147 18.91 -6.48 -8.61
C THR A 147 19.89 -5.44 -8.08
N TRP A 148 20.56 -5.76 -6.98
CA TRP A 148 21.48 -4.82 -6.37
C TRP A 148 22.52 -5.51 -5.49
N THR A 149 23.64 -4.83 -5.29
CA THR A 149 24.68 -5.32 -4.39
C THR A 149 24.51 -4.69 -3.01
N ALA A 150 24.49 -5.53 -1.98
CA ALA A 150 24.28 -5.06 -0.62
C ALA A 150 25.49 -4.29 -0.08
N GLY A 155 20.40 0.27 -3.23
CA GLY A 155 19.48 -0.86 -3.23
C GLY A 155 18.24 -0.64 -2.38
N GLN A 156 18.39 -0.05 -1.21
CA GLN A 156 17.27 0.21 -0.31
C GLN A 156 17.21 1.66 0.10
N PRO A 157 15.99 2.19 0.25
CA PRO A 157 15.88 3.63 0.46
C PRO A 157 16.09 4.10 1.90
N SER A 158 16.58 5.32 2.04
CA SER A 158 16.63 5.97 3.34
C SER A 158 15.24 6.32 3.85
N VAL A 159 14.37 6.79 2.95
CA VAL A 159 13.04 7.23 3.35
C VAL A 159 12.00 6.69 2.37
N LEU A 160 10.75 6.80 2.78
CA LEU A 160 9.60 6.38 1.99
C LEU A 160 9.72 6.91 0.59
N GLN A 161 9.46 6.02 -0.37
CA GLN A 161 9.47 6.35 -1.78
C GLN A 161 8.06 6.40 -2.34
N VAL A 162 7.93 7.20 -3.40
CA VAL A 162 6.66 7.45 -4.05
CA VAL A 162 6.66 7.49 -4.05
C VAL A 162 6.84 7.40 -5.56
N VAL A 163 5.88 6.79 -6.25
CA VAL A 163 5.86 6.80 -7.70
C VAL A 163 4.42 6.84 -8.16
N ASN A 164 4.16 7.62 -9.20
CA ASN A 164 2.85 7.70 -9.83
C ASN A 164 2.86 6.85 -11.10
N LEU A 165 1.86 6.02 -11.28
CA LEU A 165 1.83 5.07 -12.39
C LEU A 165 0.44 4.98 -12.98
N PRO A 166 0.36 4.83 -14.31
CA PRO A 166 -0.95 4.74 -14.96
C PRO A 166 -1.54 3.33 -14.91
N ILE A 167 -2.84 3.24 -14.70
CA ILE A 167 -3.57 2.00 -14.85
C ILE A 167 -3.47 1.58 -16.30
N VAL A 168 -3.37 0.28 -16.51
CA VAL A 168 -3.17 -0.30 -17.84
C VAL A 168 -4.42 -1.06 -18.28
N GLU A 169 -4.67 -1.00 -19.58
CA GLU A 169 -5.76 -1.72 -20.19
C GLU A 169 -5.70 -3.19 -19.86
N ARG A 170 -6.84 -3.79 -19.53
CA ARG A 170 -6.82 -5.18 -19.09
C ARG A 170 -6.22 -6.17 -20.08
N PRO A 171 -6.47 -6.01 -21.41
CA PRO A 171 -5.85 -6.95 -22.33
C PRO A 171 -4.33 -6.86 -22.31
N VAL A 172 -3.79 -5.65 -22.13
CA VAL A 172 -2.35 -5.47 -22.05
C VAL A 172 -1.80 -6.13 -20.79
N CYS A 173 -2.49 -5.94 -19.66
CA CYS A 173 -2.11 -6.64 -18.44
C CYS A 173 -2.05 -8.14 -18.68
N LYS A 174 -3.11 -8.68 -19.25
CA LYS A 174 -3.18 -10.12 -19.44
CA LYS A 174 -3.22 -10.12 -19.46
C LYS A 174 -2.11 -10.63 -20.38
N ASP A 175 -1.83 -9.87 -21.42
CA ASP A 175 -0.88 -10.29 -22.46
C ASP A 175 0.57 -10.14 -22.03
N SER A 176 0.80 -9.57 -20.84
CA SER A 176 2.15 -9.35 -20.34
C SER A 176 2.68 -10.51 -19.52
N THR A 177 1.85 -11.51 -19.23
CA THR A 177 2.16 -12.51 -18.25
C THR A 177 1.49 -13.83 -18.62
N ARG A 178 2.02 -14.92 -18.07
CA ARG A 178 1.37 -16.22 -18.17
C ARG A 178 0.44 -16.50 -17.02
N ILE A 179 0.48 -15.67 -15.99
CA ILE A 179 -0.39 -15.85 -14.85
C ILE A 179 -1.82 -15.51 -15.23
N ARG A 180 -2.76 -16.26 -14.67
CA ARG A 180 -4.18 -15.99 -14.87
C ARG A 180 -4.59 -14.75 -14.08
N ILE A 181 -5.03 -13.73 -14.79
CA ILE A 181 -5.44 -12.48 -14.17
C ILE A 181 -6.94 -12.51 -13.93
N THR A 182 -7.38 -12.07 -12.76
CA THR A 182 -8.79 -12.09 -12.41
C THR A 182 -9.34 -10.68 -12.27
N ASP A 183 -10.66 -10.62 -12.14
CA ASP A 183 -11.34 -9.35 -11.93
C ASP A 183 -10.98 -8.70 -10.61
N ASN A 184 -10.35 -9.45 -9.71
CA ASN A 184 -9.92 -8.90 -8.43
C ASN A 184 -8.52 -8.29 -8.47
N MET A 185 -7.99 -8.12 -9.67
CA MET A 185 -6.69 -7.53 -9.91
C MET A 185 -6.80 -6.45 -10.95
N PHE A 186 -5.93 -5.46 -10.87
CA PHE A 186 -5.67 -4.57 -11.98
C PHE A 186 -4.18 -4.38 -12.09
N CYS A 187 -3.69 -3.90 -13.23
CA CYS A 187 -2.26 -3.66 -13.35
C CYS A 187 -1.99 -2.23 -13.70
N ALA A 188 -0.76 -1.80 -13.41
CA ALA A 188 -0.35 -0.42 -13.61
C ALA A 188 1.12 -0.37 -13.92
N GLY A 189 1.50 0.68 -14.62
CA GLY A 189 2.87 0.91 -15.04
C GLY A 189 2.93 1.47 -16.45
N TYR A 190 4.09 1.99 -16.81
CA TYR A 190 4.29 2.53 -18.13
C TYR A 190 4.61 1.41 -19.12
N LYS A 191 4.24 1.63 -20.37
CA LYS A 191 4.60 0.72 -21.46
C LYS A 191 6.03 1.02 -21.92
N PRO A 192 6.69 0.05 -22.55
CA PRO A 192 8.07 0.27 -22.98
C PRO A 192 8.28 1.52 -23.84
N ASP A 193 7.30 1.89 -24.66
CA ASP A 193 7.44 3.05 -25.54
C ASP A 193 7.02 4.38 -24.91
N GLU A 194 6.68 4.39 -23.62
CA GLU A 194 6.06 5.58 -23.02
C GLU A 194 7.05 6.58 -22.40
N GLY A 195 8.34 6.24 -22.38
CA GLY A 195 9.37 7.20 -21.97
C GLY A 195 9.55 7.45 -20.47
N LYS A 196 8.64 6.93 -19.65
CA LYS A 196 8.74 7.01 -18.21
C LYS A 196 8.72 5.60 -17.69
N ARG A 197 9.20 5.42 -16.46
CA ARG A 197 9.34 4.12 -15.84
C ARG A 197 8.85 4.15 -14.42
N GLY A 198 9.01 3.02 -13.73
CA GLY A 198 8.66 2.95 -12.33
C GLY A 198 7.82 1.73 -11.99
N ASP A 199 7.98 1.25 -10.76
CA ASP A 199 7.27 0.08 -10.30
C ASP A 199 7.43 -0.06 -8.81
N ALA A 200 6.58 -0.87 -8.20
CA ALA A 200 6.86 -1.41 -6.90
C ALA A 200 7.97 -2.45 -6.99
N CYS A 201 8.48 -2.85 -5.84
CA CYS A 201 9.51 -3.87 -5.83
C CYS A 201 9.44 -4.57 -4.48
N GLU A 202 10.40 -5.45 -4.24
CA GLU A 202 10.38 -6.28 -3.05
C GLU A 202 10.35 -5.44 -1.78
N GLY A 203 9.38 -5.70 -0.92
CA GLY A 203 9.17 -4.94 0.30
C GLY A 203 8.06 -3.93 0.21
N ASP A 204 7.59 -3.61 -1.00
CA ASP A 204 6.46 -2.70 -1.18
C ASP A 204 5.11 -3.40 -1.10
N SER A 205 5.07 -4.70 -1.28
N SER A 205 5.09 -4.72 -1.25
CA SER A 205 3.77 -5.33 -1.34
CA SER A 205 3.84 -5.49 -1.19
C SER A 205 3.03 -5.18 -0.02
C SER A 205 3.03 -5.08 0.00
N GLY A 206 1.71 -5.12 -0.16
CA GLY A 206 0.82 -4.81 0.93
C GLY A 206 0.51 -3.33 1.07
N GLY A 207 1.35 -2.47 0.50
CA GLY A 207 1.10 -1.05 0.57
C GLY A 207 0.06 -0.59 -0.41
N PRO A 208 -0.26 0.70 -0.36
CA PRO A 208 -1.42 1.21 -1.09
C PRO A 208 -1.10 1.78 -2.47
N PHE A 209 -2.06 1.61 -3.37
CA PHE A 209 -2.18 2.33 -4.64
C PHE A 209 -3.34 3.28 -4.44
N VAL A 210 -3.07 4.58 -4.42
CA VAL A 210 -4.08 5.57 -4.10
C VAL A 210 -4.31 6.50 -5.28
N MET A 211 -5.50 7.09 -5.30
CA MET A 211 -5.89 8.07 -6.30
C MET A 211 -6.56 9.22 -5.58
N LYS A 212 -6.33 10.44 -6.05
CA LYS A 212 -6.95 11.60 -5.45
C LYS A 212 -8.20 11.94 -6.25
N SER A 213 -9.37 11.78 -5.67
CA SER A 213 -10.58 12.07 -6.40
C SER A 213 -10.62 13.52 -6.83
N PRO A 214 -10.89 13.79 -8.10
CA PRO A 214 -11.04 15.17 -8.55
C PRO A 214 -12.42 15.76 -8.22
N PHE A 215 -13.31 14.91 -7.73
CA PHE A 215 -14.65 15.32 -7.36
C PHE A 215 -14.69 15.91 -5.97
N ASN A 216 -14.00 15.28 -5.00
CA ASN A 216 -14.08 15.71 -3.62
C ASN A 216 -12.72 15.92 -2.98
N ASN A 217 -11.65 15.82 -3.75
CA ASN A 217 -10.30 16.12 -3.32
C ASN A 217 -9.82 15.28 -2.15
N ARG A 218 -10.35 14.06 -2.05
CA ARG A 218 -9.92 13.07 -1.07
C ARG A 218 -9.12 11.96 -1.73
N TRP A 219 -8.20 11.41 -0.98
CA TRP A 219 -7.44 10.23 -1.41
C TRP A 219 -8.17 8.95 -1.06
N TYR A 220 -8.25 8.09 -2.08
CA TYR A 220 -8.87 6.78 -2.01
C TYR A 220 -7.87 5.70 -2.32
N GLN A 221 -7.94 4.62 -1.57
CA GLN A 221 -7.10 3.47 -1.85
C GLN A 221 -7.82 2.52 -2.80
N MET A 222 -7.39 2.52 -4.05
CA MET A 222 -7.97 1.69 -5.07
C MET A 222 -7.33 0.32 -5.16
N GLY A 223 -6.07 0.22 -4.78
CA GLY A 223 -5.34 -1.02 -4.91
C GLY A 223 -4.46 -1.32 -3.73
N ILE A 224 -4.03 -2.56 -3.64
CA ILE A 224 -3.00 -3.02 -2.73
C ILE A 224 -1.90 -3.60 -3.59
N VAL A 225 -0.66 -3.22 -3.35
CA VAL A 225 0.49 -3.78 -4.07
C VAL A 225 0.48 -5.29 -3.83
N SER A 226 0.31 -6.05 -4.89
CA SER A 226 0.11 -7.49 -4.77
C SER A 226 1.26 -8.30 -5.35
N TRP A 227 1.58 -8.18 -6.63
CA TRP A 227 2.65 -9.00 -7.18
C TRP A 227 3.14 -8.42 -8.47
N GLY A 228 4.35 -8.82 -8.83
CA GLY A 228 4.94 -8.49 -10.09
C GLY A 228 5.96 -9.57 -10.42
N GLU A 229 6.44 -9.55 -11.65
CA GLU A 229 7.47 -10.44 -12.12
C GLU A 229 8.71 -9.59 -12.32
N GLY A 230 9.54 -9.62 -11.30
CA GLY A 230 10.65 -8.69 -11.20
C GLY A 230 10.17 -7.33 -10.77
N CYS A 231 10.98 -6.32 -11.05
CA CYS A 231 10.62 -4.93 -10.79
C CYS A 231 11.01 -4.07 -11.96
N ASP A 232 10.06 -3.28 -12.43
CA ASP A 232 10.32 -2.27 -13.46
C ASP A 232 10.91 -2.88 -14.74
N ARG A 233 10.49 -4.09 -15.08
CA ARG A 233 10.94 -4.67 -16.34
C ARG A 233 10.11 -4.12 -17.49
N ASP A 234 10.75 -3.87 -18.62
CA ASP A 234 10.01 -3.49 -19.82
C ASP A 234 9.01 -4.56 -20.22
N GLY A 235 7.78 -4.15 -20.44
CA GLY A 235 6.77 -5.07 -20.89
C GLY A 235 6.06 -5.80 -19.78
N LYS A 236 6.51 -5.60 -18.54
CA LYS A 236 5.85 -6.17 -17.38
CA LYS A 236 5.83 -6.16 -17.39
C LYS A 236 5.15 -5.03 -16.64
N TYR A 237 4.20 -5.38 -15.79
CA TYR A 237 3.42 -4.44 -15.03
C TYR A 237 3.27 -4.94 -13.61
N GLY A 238 3.03 -4.03 -12.68
CA GLY A 238 2.69 -4.45 -11.34
C GLY A 238 1.20 -4.74 -11.25
N PHE A 239 0.87 -5.72 -10.43
CA PHE A 239 -0.51 -6.13 -10.19
C PHE A 239 -0.94 -5.77 -8.77
N TYR A 240 -2.17 -5.29 -8.69
CA TYR A 240 -2.74 -4.69 -7.51
C TYR A 240 -4.09 -5.33 -7.21
N THR A 241 -4.32 -5.59 -5.94
CA THR A 241 -5.63 -6.07 -5.51
C THR A 241 -6.65 -4.98 -5.71
N HIS A 242 -7.79 -5.34 -6.29
CA HIS A 242 -8.88 -4.41 -6.61
C HIS A 242 -9.71 -4.23 -5.33
N VAL A 243 -9.40 -3.17 -4.60
CA VAL A 243 -9.98 -2.97 -3.28
C VAL A 243 -11.51 -2.88 -3.34
N PHE A 244 -12.05 -2.08 -4.26
CA PHE A 244 -13.48 -1.94 -4.32
C PHE A 244 -14.17 -3.29 -4.51
N ARG A 245 -13.64 -4.14 -5.37
CA ARG A 245 -14.26 -5.42 -5.60
C ARG A 245 -14.36 -6.28 -4.36
N LEU A 246 -13.47 -6.06 -3.41
CA LEU A 246 -13.41 -6.87 -2.19
C LEU A 246 -13.94 -6.10 -0.98
N LYS A 247 -14.58 -4.95 -1.24
CA LYS A 247 -14.96 -4.08 -0.14
C LYS A 247 -16.08 -4.69 0.71
N LYS A 248 -16.95 -5.50 0.11
CA LYS A 248 -18.02 -6.12 0.89
C LYS A 248 -17.42 -7.01 1.98
N TRP A 249 -16.33 -7.69 1.66
CA TRP A 249 -15.64 -8.49 2.68
C TRP A 249 -15.04 -7.59 3.77
N ILE A 250 -14.37 -6.50 3.37
CA ILE A 250 -13.82 -5.56 4.34
C ILE A 250 -14.91 -5.09 5.30
N GLN A 251 -16.05 -4.71 4.75
N GLN A 251 -16.03 -4.70 4.74
CA GLN A 251 -17.12 -4.17 5.55
CA GLN A 251 -17.13 -4.16 5.53
C GLN A 251 -17.67 -5.23 6.48
C GLN A 251 -17.70 -5.22 6.47
N LYS A 252 -17.80 -6.45 5.99
CA LYS A 252 -18.30 -7.55 6.80
C LYS A 252 -17.40 -7.79 8.01
N VAL A 253 -16.09 -7.76 7.79
CA VAL A 253 -15.16 -7.98 8.89
C VAL A 253 -15.24 -6.86 9.91
N ILE A 254 -15.20 -5.64 9.43
CA ILE A 254 -15.24 -4.50 10.33
C ILE A 254 -16.57 -4.44 11.08
N ASP A 255 -17.68 -4.72 10.38
CA ASP A 255 -19.01 -4.69 11.00
C ASP A 255 -19.12 -5.75 12.10
N GLN A 256 -18.52 -6.91 11.88
CA GLN A 256 -18.65 -8.03 12.80
C GLN A 256 -17.66 -7.95 13.97
N PHE A 257 -16.45 -7.49 13.69
CA PHE A 257 -15.36 -7.58 14.67
C PHE A 257 -14.88 -6.22 15.15
N GLY A 258 -15.42 -5.16 14.56
CA GLY A 258 -15.00 -3.82 14.89
C GLY A 258 -15.69 -3.31 16.14
N GLU A 259 -15.13 -2.50 16.89
N GLY B 1 20.49 -5.77 12.04
CA GLY B 1 21.29 -4.62 12.42
C GLY B 1 20.99 -3.41 11.56
N ASP B 2 20.27 -3.62 10.46
CA ASP B 2 19.92 -2.54 9.56
C ASP B 2 18.98 -1.54 10.22
N PHE B 3 18.07 -2.05 11.03
CA PHE B 3 17.06 -1.22 11.67
C PHE B 3 17.47 -0.79 13.06
N GLU B 4 17.21 0.48 13.38
CA GLU B 4 17.42 0.96 14.73
C GLU B 4 16.51 0.19 15.67
N GLU B 5 17.03 -0.21 16.82
CA GLU B 5 16.23 -0.91 17.80
C GLU B 5 15.05 -0.06 18.20
N ILE B 6 13.88 -0.69 18.32
CA ILE B 6 12.71 0.02 18.79
C ILE B 6 12.62 -0.16 20.29
N PRO B 7 11.90 0.73 20.97
CA PRO B 7 11.74 0.61 22.43
C PRO B 7 11.23 -0.75 22.87
N GLU B 8 11.84 -1.28 23.92
CA GLU B 8 11.54 -2.62 24.39
C GLU B 8 10.07 -2.80 24.76
N GLU B 9 9.40 -1.72 25.11
CA GLU B 9 7.98 -1.79 25.49
C GLU B 9 7.11 -2.38 24.39
N TYS B 10 7.54 -2.24 23.13
CA TYS B 10 6.74 -2.77 22.03
CB TYS B 10 6.99 -1.92 20.78
CG TYS B 10 6.69 -0.49 20.94
CD1 TYS B 10 5.41 -0.08 21.18
CD2 TYS B 10 7.75 0.45 20.90
CE1 TYS B 10 5.14 1.31 21.36
CE2 TYS B 10 7.50 1.80 21.08
CZ TYS B 10 6.20 2.24 21.31
OH TYS B 10 5.98 3.63 21.47
S TYS B 10 5.60 4.45 20.25
O1 TYS B 10 5.55 5.75 20.84
O2 TYS B 10 6.59 4.32 19.18
O3 TYS B 10 4.25 4.00 19.77
C TYS B 10 7.04 -4.20 21.73
O TYS B 10 6.39 -4.81 20.85
N LEU B 11 8.01 -4.77 22.44
CA LEU B 11 8.41 -6.17 22.25
C LEU B 11 8.09 -6.99 23.49
N GLN B 12 7.15 -6.54 24.30
CA GLN B 12 6.81 -7.25 25.54
C GLN B 12 5.38 -7.78 25.50
N GLU C 1 -13.57 6.86 7.67
CA GLU C 1 -14.02 7.92 8.55
C GLU C 1 -14.46 9.15 7.77
N ALA C 2 -15.23 10.01 8.43
CA ALA C 2 -15.73 11.24 7.83
C ALA C 2 -14.59 12.12 7.29
N ASP C 3 -13.45 12.05 7.95
CA ASP C 3 -12.30 12.87 7.57
C ASP C 3 -11.24 12.11 6.76
N CYS C 4 -11.61 10.95 6.24
CA CYS C 4 -10.64 10.15 5.56
C CYS C 4 -10.07 10.86 4.34
N GLY C 5 -8.80 10.54 4.04
CA GLY C 5 -8.24 10.93 2.77
C GLY C 5 -7.87 12.39 2.61
N LEU C 6 -7.93 13.14 3.72
CA LEU C 6 -7.56 14.55 3.74
C LEU C 6 -6.34 14.67 4.63
N ARG C 7 -5.21 15.03 4.05
CA ARG C 7 -3.95 14.98 4.79
C ARG C 7 -3.74 16.26 5.59
N PRO C 8 -3.40 16.14 6.88
CA PRO C 8 -3.15 17.32 7.69
C PRO C 8 -2.16 18.30 7.07
N LEU C 9 -1.10 17.80 6.44
CA LEU C 9 -0.07 18.70 5.93
C LEU C 9 -0.29 19.16 4.50
N PHE C 10 -1.38 18.71 3.89
CA PHE C 10 -1.69 19.04 2.50
C PHE C 10 -3.11 19.55 2.39
N GLU C 11 -4.08 18.69 2.15
CA GLU C 11 -5.43 19.18 1.93
C GLU C 11 -5.96 20.01 3.06
N LYS C 12 -5.67 19.64 4.30
CA LYS C 12 -6.22 20.38 5.43
CA LYS C 12 -6.21 20.38 5.44
C LYS C 12 -5.73 21.81 5.49
N LYS C 13 -4.56 22.08 4.88
N LYS C 13 -4.56 22.09 4.94
CA LYS C 13 -3.92 23.40 4.82
CA LYS C 13 -4.04 23.46 4.90
C LYS C 13 -4.03 24.06 3.47
C LYS C 13 -3.92 23.99 3.47
N SER C 14 -4.67 23.38 2.54
CA SER C 14 -4.68 23.81 1.14
C SER C 14 -3.27 23.94 0.56
N LEU C 15 -2.42 22.96 0.86
CA LEU C 15 -1.12 22.84 0.23
C LEU C 15 -1.14 21.62 -0.66
N GLU C 16 -0.54 21.75 -1.82
CA GLU C 16 -0.41 20.62 -2.74
CA GLU C 16 -0.39 20.73 -2.84
C GLU C 16 0.96 20.01 -2.69
N ASP C 17 0.98 18.70 -2.82
CA ASP C 17 2.25 18.02 -2.86
C ASP C 17 2.87 18.15 -4.26
N LYS C 18 4.12 17.74 -4.41
CA LYS C 18 4.85 18.08 -5.62
C LYS C 18 4.41 17.35 -6.88
N THR C 19 3.68 16.25 -6.76
CA THR C 19 3.30 15.49 -7.95
C THR C 19 1.82 15.14 -8.05
N GLU C 20 0.99 15.61 -7.13
CA GLU C 20 -0.43 15.27 -7.23
C GLU C 20 -1.05 15.80 -8.51
N ARG C 21 -0.54 16.90 -9.03
CA ARG C 21 -1.06 17.42 -10.26
C ARG C 21 -0.91 16.43 -11.43
N GLU C 22 0.13 15.62 -11.42
CA GLU C 22 0.30 14.58 -12.44
C GLU C 22 -0.89 13.64 -12.45
N LEU C 23 -1.39 13.31 -11.27
CA LEU C 23 -2.55 12.44 -11.17
C LEU C 23 -3.77 13.15 -11.77
N LEU C 24 -4.02 14.38 -11.35
CA LEU C 24 -5.17 15.13 -11.82
C LEU C 24 -5.16 15.24 -13.35
N GLU C 25 -4.00 15.55 -13.91
CA GLU C 25 -3.89 15.71 -15.36
C GLU C 25 -4.19 14.44 -16.12
N SER C 26 -4.08 13.28 -15.48
CA SER C 26 -4.37 12.03 -16.14
C SER C 26 -5.86 11.69 -16.13
N TYR C 27 -6.65 12.41 -15.34
CA TYR C 27 -8.06 12.07 -15.15
C TYR C 27 -8.85 12.83 -16.21
N ILE C 28 -8.77 12.33 -17.44
CA ILE C 28 -9.26 13.03 -18.62
C ILE C 28 -10.59 12.50 -19.11
NA NA D . 7.33 -2.41 -16.64
NA NA E . -1.25 -13.93 -20.85
P PO4 F . -10.11 -18.83 -7.61
O1 PO4 F . -10.08 -18.84 -6.09
O2 PO4 F . -9.75 -20.19 -8.13
O3 PO4 F . -11.45 -18.30 -8.03
O4 PO4 F . -9.00 -17.82 -7.90
S DMS G . -9.01 -1.35 -14.70
S DMS G . -9.62 -2.09 -15.58
O DMS G . -8.48 -2.76 -14.79
O DMS G . -8.41 -2.66 -14.94
C1 DMS G . -10.81 -1.50 -14.74
C1 DMS G . -9.23 -0.49 -16.34
C2 DMS G . -8.75 -0.71 -16.37
C2 DMS G . -10.80 -1.57 -14.30
S DMS H . -18.49 11.36 -8.69
S DMS H . -19.12 10.24 -8.75
O DMS H . -18.72 11.62 -10.14
O DMS H . -19.06 10.59 -10.21
C1 DMS H . -17.72 9.75 -8.57
C1 DMS H . -17.45 9.88 -8.19
C2 DMS H . -20.06 10.95 -7.87
C2 DMS H . -19.42 11.76 -7.80
C1 GOL I . -18.25 11.93 -3.77
O1 GOL I . -17.48 12.18 -4.94
C2 GOL I . -18.01 10.48 -3.35
O2 GOL I . -18.74 10.16 -2.19
C3 GOL I . -18.47 9.59 -4.50
O3 GOL I . -19.66 10.11 -5.04
C1 GOL J . -12.08 -5.63 -13.28
O1 GOL J . -12.79 -5.96 -12.11
C2 GOL J . -13.03 -5.31 -14.44
O2 GOL J . -13.95 -4.31 -14.02
C3 GOL J . -13.80 -6.55 -14.85
O3 GOL J . -13.13 -7.22 -15.91
C1 GOL K . -14.34 -13.37 -6.82
O1 GOL K . -14.42 -12.89 -8.14
C2 GOL K . -15.17 -12.49 -5.88
O2 GOL K . -14.66 -11.18 -5.86
C3 GOL K . -15.10 -13.08 -4.48
O3 GOL K . -14.61 -12.10 -3.59
C1 EDO L . 8.01 -17.47 8.46
O1 EDO L . 8.07 -16.49 7.42
C2 EDO L . 6.95 -17.08 9.49
O2 EDO L . 5.70 -17.72 9.19
C1 EDO M . -10.24 -10.86 -16.57
O1 EDO M . -10.10 -10.20 -15.32
C2 EDO M . -10.58 -12.33 -16.34
O2 EDO M . -11.92 -12.44 -15.84
CL FQI N . 2.85 -4.57 -7.79
C4 FQI N . 4.45 -5.17 -7.74
C2 FQI N . 6.61 -5.62 -8.29
C FQI N . 7.54 -7.07 -6.44
O FQI N . 7.37 -7.37 -5.24
N FQI N . 8.61 -7.43 -7.15
C1 FQI N . 6.53 -6.29 -7.10
C3 FQI N . 5.42 -4.98 -8.66
S FQI N . 4.95 -6.12 -6.41
C1 NAG O . -1.99 -20.78 9.30
C2 NAG O . -2.75 -22.01 8.81
C3 NAG O . -3.98 -22.23 9.58
C4 NAG O . -3.72 -22.24 10.99
C5 NAG O . -3.14 -20.94 11.42
C6 NAG O . -2.89 -20.91 12.84
C7 NAG O . -2.45 -22.56 6.34
C8 NAG O . -2.88 -22.38 4.93
N2 NAG O . -3.15 -21.83 7.41
O3 NAG O . -4.58 -23.46 9.17
O4 NAG O . -4.91 -22.51 11.74
O5 NAG O . -1.84 -20.74 10.70
O6 NAG O . -1.75 -21.55 13.30
O7 NAG O . -1.53 -23.31 6.59
#